data_2IU5
#
_entry.id   2IU5
#
_cell.length_a   44.459
_cell.length_b   46.284
_cell.length_c   171.939
_cell.angle_alpha   90.00
_cell.angle_beta   90.00
_cell.angle_gamma   90.00
#
_symmetry.space_group_name_H-M   'P 21 21 21'
#
loop_
_entity.id
_entity.type
_entity.pdbx_description
1 polymer 'HTH-TYPE DHAKLM OPERON TRANSCRIPTIONAL ACTIVATOR DHAS'
2 water water
#
_entity_poly.entity_id   1
_entity_poly.type   'polypeptide(L)'
_entity_poly.pdbx_seq_one_letter_code
;MSAFFLNMEKSIITQKIIAKAFKDLMQSNAYHQISVSDIMQTAKIRRQTFYNYFQNQEELLSWIFENDFAELINDNSDYY
GWQNELLLLLRYLDENQIFYQKIFVIDKNFEHFFLIQWENLLDKVIFDQEKKSDYHWSDLEKSFICRYNAAAICAITRES
IIRGNSLEKLYSQIVNLLLAQIKIFESLEHHHHHH
;
_entity_poly.pdbx_strand_id   A,B
#
# COMPACT_ATOMS: atom_id res chain seq x y z
N MET A 8 21.06 20.19 -1.21
CA MET A 8 21.59 21.53 -0.82
C MET A 8 22.68 21.32 0.19
N GLU A 9 23.64 22.23 0.24
CA GLU A 9 24.72 22.13 1.22
C GLU A 9 24.95 23.47 1.92
N LYS A 10 25.21 24.54 1.16
CA LYS A 10 25.78 25.74 1.76
C LYS A 10 24.91 26.46 2.79
N SER A 11 23.59 26.41 2.63
CA SER A 11 22.70 27.14 3.51
C SER A 11 22.28 26.29 4.70
N ILE A 12 22.68 25.02 4.71
CA ILE A 12 22.26 24.11 5.78
C ILE A 12 23.40 23.27 6.39
N ILE A 13 24.61 23.82 6.40
CA ILE A 13 25.81 23.07 6.78
C ILE A 13 25.63 22.51 8.19
N THR A 14 25.28 23.37 9.15
CA THR A 14 25.24 22.94 10.54
C THR A 14 24.09 21.97 10.76
N GLN A 15 22.93 22.25 10.18
CA GLN A 15 21.81 21.33 10.26
C GLN A 15 22.19 19.93 9.80
N LYS A 16 22.94 19.86 8.70
CA LYS A 16 23.31 18.56 8.15
C LYS A 16 24.24 17.79 9.09
N ILE A 17 25.13 18.52 9.76
CA ILE A 17 26.04 17.91 10.73
C ILE A 17 25.26 17.36 11.93
N ILE A 18 24.33 18.18 12.42
CA ILE A 18 23.50 17.76 13.56
C ILE A 18 22.66 16.53 13.17
N ALA A 19 22.03 16.59 12.00
CA ALA A 19 21.23 15.45 11.53
C ALA A 19 22.04 14.15 11.38
N LYS A 20 23.23 14.28 10.82
CA LYS A 20 24.11 13.11 10.67
C LYS A 20 24.44 12.50 12.03
N ALA A 21 24.76 13.36 12.98
CA ALA A 21 25.00 12.90 14.35
C ALA A 21 23.81 12.12 14.92
N PHE A 22 22.61 12.67 14.76
CA PHE A 22 21.40 12.00 15.23
C PHE A 22 21.21 10.65 14.55
N LYS A 23 21.38 10.65 13.22
CA LYS A 23 21.17 9.39 12.46
C LYS A 23 22.18 8.35 12.92
N ASP A 24 23.41 8.76 13.17
CA ASP A 24 24.43 7.87 13.74
C ASP A 24 24.03 7.29 15.11
N LEU A 25 23.55 8.14 16.01
CA LEU A 25 23.12 7.64 17.32
C LEU A 25 21.91 6.70 17.21
N MET A 26 21.02 6.96 16.25
CA MET A 26 19.82 6.11 16.07
C MET A 26 20.17 4.71 15.56
N GLN A 27 21.38 4.52 15.07
CA GLN A 27 21.79 3.17 14.69
C GLN A 27 21.88 2.26 15.91
N SER A 28 22.26 2.83 17.05
CA SER A 28 22.72 1.99 18.16
C SER A 28 22.10 2.37 19.51
N ASN A 29 21.21 3.37 19.51
CA ASN A 29 20.53 3.79 20.74
C ASN A 29 19.03 3.91 20.47
N ALA A 30 18.22 3.64 21.50
CA ALA A 30 16.78 3.88 21.37
C ALA A 30 16.53 5.37 21.21
N TYR A 31 15.56 5.73 20.37
CA TYR A 31 15.24 7.10 20.09
C TYR A 31 15.13 7.98 21.35
N HIS A 32 14.35 7.53 22.32
CA HIS A 32 14.07 8.41 23.46
C HIS A 32 15.25 8.53 24.40
N GLN A 33 16.27 7.67 24.23
CA GLN A 33 17.47 7.72 25.06
C GLN A 33 18.58 8.55 24.41
N ILE A 34 18.27 9.21 23.30
CA ILE A 34 19.18 10.15 22.68
C ILE A 34 18.81 11.59 23.05
N SER A 35 19.63 12.24 23.88
CA SER A 35 19.30 13.62 24.27
C SER A 35 19.93 14.60 23.30
N VAL A 36 19.48 15.86 23.36
CA VAL A 36 20.17 16.92 22.61
C VAL A 36 21.65 17.00 22.99
N SER A 37 21.94 16.87 24.28
CA SER A 37 23.33 16.81 24.70
C SER A 37 24.10 15.72 23.93
N ASP A 38 23.52 14.52 23.82
CA ASP A 38 24.19 13.41 23.13
C ASP A 38 24.43 13.77 21.66
N ILE A 39 23.41 14.33 21.02
CA ILE A 39 23.50 14.70 19.59
C ILE A 39 24.65 15.66 19.37
N MET A 40 24.73 16.67 20.22
CA MET A 40 25.73 17.71 20.03
C MET A 40 27.15 17.29 20.43
N GLN A 41 27.26 16.44 21.45
CA GLN A 41 28.52 15.75 21.71
C GLN A 41 29.02 14.98 20.49
N THR A 42 28.12 14.23 19.86
CA THR A 42 28.50 13.42 18.71
C THR A 42 28.85 14.33 17.52
N ALA A 43 28.12 15.42 17.37
CA ALA A 43 28.35 16.38 16.29
C ALA A 43 29.61 17.21 16.49
N LYS A 44 30.11 17.23 17.71
CA LYS A 44 31.24 18.10 18.09
C LYS A 44 30.92 19.57 17.84
N ILE A 45 29.74 19.98 18.28
CA ILE A 45 29.32 21.37 18.22
C ILE A 45 28.77 21.73 19.60
N ARG A 46 29.02 22.95 20.04
CA ARG A 46 28.54 23.42 21.33
C ARG A 46 27.03 23.23 21.45
N ARG A 47 26.58 22.72 22.59
CA ARG A 47 25.19 22.31 22.73
C ARG A 47 24.19 23.39 22.35
N GLN A 48 24.42 24.60 22.85
CA GLN A 48 23.43 25.67 22.66
C GLN A 48 23.15 25.95 21.18
N THR A 49 24.11 25.65 20.32
CA THR A 49 23.96 25.91 18.89
C THR A 49 22.77 25.14 18.31
N PHE A 50 22.45 23.99 18.89
CA PHE A 50 21.31 23.19 18.40
C PHE A 50 20.08 24.07 18.31
N TYR A 51 19.92 24.97 19.28
CA TYR A 51 18.69 25.77 19.39
C TYR A 51 18.60 26.96 18.44
N ASN A 52 19.67 27.19 17.69
CA ASN A 52 19.56 28.12 16.59
C ASN A 52 18.73 27.49 15.48
N TYR A 53 18.52 26.17 15.55
CA TYR A 53 17.95 25.43 14.43
C TYR A 53 16.73 24.57 14.77
N PHE A 54 16.73 23.95 15.95
CA PHE A 54 15.67 23.00 16.30
C PHE A 54 15.30 23.16 17.75
N GLN A 55 14.02 22.96 18.08
CA GLN A 55 13.57 23.08 19.47
C GLN A 55 13.83 21.80 20.26
N ASN A 56 13.84 20.68 19.54
CA ASN A 56 13.91 19.37 20.16
C ASN A 56 14.11 18.30 19.10
N GLN A 57 14.18 17.06 19.54
CA GLN A 57 14.46 15.94 18.66
C GLN A 57 13.34 15.67 17.67
N GLU A 58 12.10 16.00 18.04
CA GLU A 58 10.96 15.81 17.11
C GLU A 58 11.11 16.76 15.94
N GLU A 59 11.48 17.99 16.23
CA GLU A 59 11.71 18.93 15.12
C GLU A 59 12.87 18.49 14.23
N LEU A 60 13.92 17.90 14.82
CA LEU A 60 15.05 17.43 14.06
C LEU A 60 14.58 16.27 13.17
N LEU A 61 13.79 15.35 13.72
CA LEU A 61 13.28 14.23 12.90
C LEU A 61 12.49 14.75 11.72
N SER A 62 11.58 15.70 11.96
CA SER A 62 10.76 16.25 10.89
C SER A 62 11.66 16.79 9.79
N TRP A 63 12.72 17.49 10.20
CA TRP A 63 13.63 18.09 9.24
C TRP A 63 14.35 17.01 8.44
N ILE A 64 14.80 15.96 9.13
CA ILE A 64 15.48 14.86 8.45
C ILE A 64 14.56 14.25 7.39
N PHE A 65 13.31 14.02 7.75
CA PHE A 65 12.38 13.36 6.81
C PHE A 65 12.21 14.27 5.58
N GLU A 66 12.01 15.56 5.81
CA GLU A 66 11.73 16.46 4.68
C GLU A 66 12.97 16.61 3.80
N ASN A 67 14.11 16.78 4.43
CA ASN A 67 15.33 17.07 3.71
C ASN A 67 15.84 15.85 2.96
N ASP A 68 15.84 14.70 3.63
CA ASP A 68 16.56 13.55 3.06
C ASP A 68 15.80 13.03 1.83
N PHE A 69 14.47 12.92 1.94
CA PHE A 69 13.69 12.44 0.80
C PHE A 69 13.70 13.39 -0.37
N ALA A 70 13.61 14.69 -0.11
CA ALA A 70 13.73 15.67 -1.21
C ALA A 70 15.10 15.63 -1.88
N GLU A 71 16.15 15.48 -1.07
CA GLU A 71 17.50 15.48 -1.61
C GLU A 71 17.65 14.31 -2.55
N LEU A 72 17.10 13.17 -2.15
CA LEU A 72 17.28 11.93 -2.89
C LEU A 72 16.47 11.92 -4.18
N ILE A 73 15.27 12.48 -4.13
CA ILE A 73 14.36 12.37 -5.26
C ILE A 73 14.53 13.58 -6.21
N ASN A 74 14.62 14.78 -5.66
CA ASN A 74 14.38 16.00 -6.46
C ASN A 74 15.59 16.92 -6.62
N ASP A 75 16.48 16.90 -5.64
CA ASP A 75 17.50 17.95 -5.59
C ASP A 75 18.73 17.52 -6.36
N ASN A 76 18.62 17.58 -7.67
CA ASN A 76 19.73 17.20 -8.53
C ASN A 76 19.43 17.75 -9.89
N SER A 77 20.43 17.60 -10.76
CA SER A 77 20.51 18.34 -12.00
C SER A 77 20.02 17.50 -13.16
N ASP A 78 19.72 16.24 -12.89
CA ASP A 78 19.71 15.28 -13.96
C ASP A 78 18.51 15.42 -14.87
N TYR A 79 18.79 15.32 -16.16
CA TYR A 79 17.74 15.28 -17.14
C TYR A 79 16.96 13.99 -17.03
N TYR A 80 17.61 12.85 -16.86
CA TYR A 80 16.86 11.60 -16.78
C TYR A 80 17.33 10.79 -15.60
N GLY A 81 16.69 11.08 -14.49
CA GLY A 81 17.28 10.71 -13.24
C GLY A 81 16.55 9.66 -12.44
N TRP A 82 15.33 9.29 -12.80
CA TRP A 82 14.54 8.55 -11.82
C TRP A 82 15.12 7.19 -11.46
N GLN A 83 15.76 6.54 -12.44
CA GLN A 83 16.27 5.21 -12.15
C GLN A 83 17.43 5.33 -11.16
N ASN A 84 18.27 6.34 -11.34
CA ASN A 84 19.37 6.58 -10.37
C ASN A 84 18.81 7.00 -9.02
N GLU A 85 17.78 7.83 -9.02
CA GLU A 85 17.19 8.26 -7.75
C GLU A 85 16.58 7.13 -6.96
N LEU A 86 15.86 6.25 -7.65
CA LEU A 86 15.31 5.08 -6.99
C LEU A 86 16.41 4.24 -6.35
N LEU A 87 17.50 3.98 -7.06
CA LEU A 87 18.62 3.22 -6.49
C LEU A 87 19.14 3.91 -5.24
N LEU A 88 19.39 5.21 -5.32
CA LEU A 88 19.91 5.91 -4.14
C LEU A 88 18.94 5.94 -2.98
N LEU A 89 17.66 6.05 -3.26
CA LEU A 89 16.66 5.94 -2.21
C LEU A 89 16.66 4.57 -1.53
N LEU A 90 16.68 3.48 -2.30
CA LEU A 90 16.76 2.16 -1.70
C LEU A 90 18.02 2.00 -0.86
N ARG A 91 19.16 2.45 -1.36
CA ARG A 91 20.40 2.40 -0.61
C ARG A 91 20.32 3.20 0.68
N TYR A 92 19.69 4.37 0.64
CA TYR A 92 19.54 5.21 1.83
C TYR A 92 18.71 4.47 2.86
N LEU A 93 17.62 3.85 2.42
CA LEU A 93 16.75 3.14 3.35
C LEU A 93 17.46 1.94 3.94
N ASP A 94 18.27 1.24 3.15
CA ASP A 94 19.06 0.13 3.69
C ASP A 94 20.09 0.58 4.74
N GLU A 95 20.82 1.65 4.44
CA GLU A 95 21.83 2.18 5.34
C GLU A 95 21.15 2.61 6.63
N ASN A 96 19.98 3.22 6.49
CA ASN A 96 19.29 3.76 7.66
C ASN A 96 18.12 2.87 8.07
N GLN A 97 18.25 1.57 7.84
CA GLN A 97 17.14 0.66 8.10
C GLN A 97 16.75 0.66 9.57
N ILE A 98 17.73 0.71 10.47
CA ILE A 98 17.40 0.62 11.88
C ILE A 98 16.68 1.90 12.31
N PHE A 99 17.16 3.05 11.85
CA PHE A 99 16.53 4.34 12.09
C PHE A 99 15.06 4.26 11.67
N TYR A 100 14.82 3.78 10.44
CA TYR A 100 13.44 3.76 9.95
C TYR A 100 12.57 2.70 10.62
N GLN A 101 13.13 1.55 10.96
CA GLN A 101 12.40 0.59 11.79
C GLN A 101 11.91 1.28 13.07
N LYS A 102 12.80 2.06 13.69
CA LYS A 102 12.42 2.79 14.90
C LYS A 102 11.33 3.81 14.67
N ILE A 103 11.41 4.53 13.56
CA ILE A 103 10.41 5.55 13.26
C ILE A 103 9.04 4.93 13.01
N PHE A 104 8.99 3.78 12.33
CA PHE A 104 7.69 3.14 12.13
C PHE A 104 7.06 2.77 13.47
N VAL A 105 7.88 2.52 14.49
CA VAL A 105 7.36 2.26 15.85
C VAL A 105 6.91 3.53 16.58
N ILE A 106 7.75 4.56 16.52
CA ILE A 106 7.56 5.81 17.25
C ILE A 106 6.47 6.73 16.69
N ASP A 107 6.31 6.73 15.37
CA ASP A 107 5.50 7.75 14.70
C ASP A 107 4.44 7.11 13.83
N LYS A 108 3.23 7.06 14.36
CA LYS A 108 2.10 6.41 13.69
C LYS A 108 1.74 7.10 12.38
N ASN A 109 2.10 8.37 12.25
CA ASN A 109 1.78 9.13 11.04
C ASN A 109 2.86 9.04 9.98
N PHE A 110 3.97 8.40 10.32
CA PHE A 110 5.00 8.26 9.33
C PHE A 110 4.65 7.49 8.06
N GLU A 111 3.83 6.45 8.19
CA GLU A 111 3.46 5.62 7.03
C GLU A 111 2.84 6.51 5.95
N HIS A 112 2.08 7.50 6.38
CA HIS A 112 1.42 8.38 5.42
C HIS A 112 2.41 9.30 4.74
N PHE A 113 3.33 9.86 5.51
CA PHE A 113 4.41 10.64 4.95
C PHE A 113 5.22 9.78 3.95
N PHE A 114 5.47 8.53 4.33
CA PHE A 114 6.35 7.63 3.54
C PHE A 114 5.66 7.41 2.18
N LEU A 115 4.36 7.18 2.22
CA LEU A 115 3.60 6.94 0.99
C LEU A 115 3.71 8.16 0.09
N ILE A 116 3.56 9.35 0.68
CA ILE A 116 3.65 10.58 -0.09
C ILE A 116 5.03 10.69 -0.77
N GLN A 117 6.09 10.27 -0.09
CA GLN A 117 7.43 10.25 -0.70
C GLN A 117 7.49 9.40 -1.95
N TRP A 118 6.87 8.23 -1.87
CA TRP A 118 6.82 7.34 -3.03
C TRP A 118 5.98 7.93 -4.13
N GLU A 119 4.90 8.62 -3.75
CA GLU A 119 4.13 9.33 -4.75
C GLU A 119 4.96 10.41 -5.45
N ASN A 120 5.84 11.06 -4.68
CA ASN A 120 6.65 12.13 -5.24
C ASN A 120 7.62 11.47 -6.22
N LEU A 121 8.16 10.31 -5.85
CA LEU A 121 9.05 9.58 -6.76
C LEU A 121 8.31 9.23 -8.05
N LEU A 122 7.09 8.68 -7.94
CA LEU A 122 6.35 8.36 -9.18
C LEU A 122 6.06 9.60 -10.05
N ASP A 123 5.77 10.72 -9.41
CA ASP A 123 5.55 11.97 -10.14
C ASP A 123 6.82 12.29 -10.94
N LYS A 124 7.97 12.09 -10.31
CA LYS A 124 9.29 12.28 -10.96
C LYS A 124 9.52 11.30 -12.12
N VAL A 125 9.13 10.05 -11.95
CA VAL A 125 9.19 9.06 -13.04
C VAL A 125 8.43 9.55 -14.26
N ILE A 126 7.19 9.96 -14.04
CA ILE A 126 6.35 10.47 -15.13
C ILE A 126 7.00 11.70 -15.78
N PHE A 127 7.40 12.68 -14.97
CA PHE A 127 8.10 13.92 -15.39
C PHE A 127 9.26 13.56 -16.31
N ASP A 128 10.10 12.62 -15.86
CA ASP A 128 11.31 12.30 -16.61
C ASP A 128 10.98 11.54 -17.90
N GLN A 129 10.01 10.64 -17.82
CA GLN A 129 9.64 9.89 -19.01
C GLN A 129 9.10 10.80 -20.11
N GLU A 130 8.31 11.80 -19.73
CA GLU A 130 7.71 12.70 -20.71
C GLU A 130 8.75 13.55 -21.40
N LYS A 131 9.92 13.67 -20.78
CA LYS A 131 11.05 14.35 -21.42
C LYS A 131 11.68 13.46 -22.50
N LYS A 132 11.66 12.15 -22.28
CA LYS A 132 12.33 11.20 -23.15
C LYS A 132 11.50 10.79 -24.36
N SER A 133 10.21 10.55 -24.14
CA SER A 133 9.34 9.95 -25.14
C SER A 133 7.96 10.61 -25.11
N ASP A 134 7.11 10.26 -26.07
CA ASP A 134 5.74 10.74 -26.12
C ASP A 134 4.82 9.61 -25.65
N TYR A 135 3.78 9.99 -24.90
CA TYR A 135 2.84 9.05 -24.25
C TYR A 135 1.42 9.52 -24.49
N HIS A 136 0.46 8.60 -24.53
CA HIS A 136 -0.93 8.98 -24.73
C HIS A 136 -1.75 8.87 -23.45
N TRP A 137 -1.06 8.68 -22.33
CA TRP A 137 -1.74 8.61 -21.04
C TRP A 137 -2.55 9.84 -20.75
N SER A 138 -3.79 9.65 -20.32
CA SER A 138 -4.60 10.77 -19.85
C SER A 138 -4.15 11.22 -18.46
N ASP A 139 -4.67 12.36 -18.01
CA ASP A 139 -4.46 12.78 -16.63
C ASP A 139 -4.91 11.71 -15.63
N LEU A 140 -6.04 11.08 -15.90
CA LEU A 140 -6.56 10.04 -15.02
C LEU A 140 -5.59 8.86 -14.97
N GLU A 141 -5.07 8.50 -16.14
CA GLU A 141 -4.17 7.36 -16.26
C GLU A 141 -2.83 7.59 -15.58
N LYS A 142 -2.25 8.78 -15.76
CA LYS A 142 -1.04 9.14 -15.03
C LYS A 142 -1.22 9.11 -13.51
N SER A 143 -2.35 9.66 -13.02
CA SER A 143 -2.63 9.62 -11.60
C SER A 143 -2.70 8.15 -11.16
N PHE A 144 -3.40 7.34 -11.94
CA PHE A 144 -3.57 5.95 -11.52
C PHE A 144 -2.24 5.22 -11.46
N ILE A 145 -1.44 5.34 -12.51
CA ILE A 145 -0.15 4.63 -12.54
C ILE A 145 0.71 5.06 -11.35
N CYS A 146 0.69 6.36 -11.04
CA CYS A 146 1.48 6.83 -9.91
C CYS A 146 0.98 6.28 -8.58
N ARG A 147 -0.33 6.35 -8.36
CA ARG A 147 -0.87 5.93 -7.08
C ARG A 147 -0.73 4.41 -6.91
N TYR A 148 -0.94 3.70 -8.00
CA TYR A 148 -0.83 2.23 -7.98
C TYR A 148 0.57 1.81 -7.59
N ASN A 149 1.56 2.31 -8.32
CA ASN A 149 2.94 1.96 -8.03
C ASN A 149 3.50 2.51 -6.73
N ALA A 150 3.12 3.74 -6.36
CA ALA A 150 3.58 4.29 -5.09
C ALA A 150 3.10 3.38 -3.95
N ALA A 151 1.87 2.91 -4.05
CA ALA A 151 1.30 2.08 -2.99
C ALA A 151 2.04 0.75 -2.89
N ALA A 152 2.34 0.17 -4.04
CA ALA A 152 3.09 -1.09 -4.08
C ALA A 152 4.47 -0.91 -3.48
N ILE A 153 5.21 0.09 -3.94
CA ILE A 153 6.56 0.25 -3.44
C ILE A 153 6.55 0.65 -1.96
N CYS A 154 5.60 1.47 -1.55
CA CYS A 154 5.50 1.86 -0.15
C CYS A 154 5.34 0.61 0.72
N ALA A 155 4.44 -0.27 0.32
CA ALA A 155 4.13 -1.46 1.12
C ALA A 155 5.32 -2.41 1.20
N ILE A 156 5.97 -2.61 0.06
CA ILE A 156 7.08 -3.55 -0.05
C ILE A 156 8.26 -3.03 0.76
N THR A 157 8.56 -1.74 0.64
CA THR A 157 9.74 -1.20 1.32
C THR A 157 9.51 -1.05 2.81
N ARG A 158 8.32 -0.61 3.22
CA ARG A 158 7.98 -0.64 4.64
C ARG A 158 8.16 -2.02 5.24
N GLU A 159 7.63 -3.05 4.60
CA GLU A 159 7.76 -4.40 5.14
C GLU A 159 9.21 -4.83 5.22
N SER A 160 10.00 -4.53 4.19
CA SER A 160 11.41 -4.92 4.17
C SER A 160 12.16 -4.22 5.30
N ILE A 161 11.86 -2.95 5.50
CA ILE A 161 12.51 -2.20 6.58
C ILE A 161 12.17 -2.84 7.92
N ILE A 162 10.89 -3.08 8.16
CA ILE A 162 10.47 -3.60 9.44
C ILE A 162 11.08 -4.98 9.71
N ARG A 163 11.19 -5.79 8.65
CA ARG A 163 11.70 -7.16 8.71
C ARG A 163 13.22 -7.28 8.69
N GLY A 164 13.91 -6.20 8.34
CA GLY A 164 15.37 -6.23 8.18
C GLY A 164 15.83 -6.93 6.93
N ASN A 165 15.05 -6.84 5.85
CA ASN A 165 15.45 -7.39 4.55
C ASN A 165 16.02 -6.31 3.62
N SER A 166 16.94 -6.68 2.73
CA SER A 166 17.63 -5.69 1.92
C SER A 166 16.67 -5.12 0.87
N LEU A 167 16.67 -3.80 0.73
CA LEU A 167 15.87 -3.14 -0.30
C LEU A 167 16.58 -3.12 -1.64
N GLU A 168 17.90 -2.94 -1.63
CA GLU A 168 18.60 -2.81 -2.91
C GLU A 168 18.45 -4.06 -3.75
N LYS A 169 18.27 -5.23 -3.12
CA LYS A 169 18.10 -6.44 -3.87
C LYS A 169 16.85 -6.44 -4.75
N LEU A 170 15.92 -5.53 -4.43
CA LEU A 170 14.67 -5.45 -5.17
C LEU A 170 14.74 -4.50 -6.35
N TYR A 171 15.88 -3.84 -6.49
CA TYR A 171 15.95 -2.71 -7.41
C TYR A 171 15.66 -3.12 -8.85
N SER A 172 16.33 -4.16 -9.35
CA SER A 172 16.13 -4.53 -10.74
C SER A 172 14.68 -4.92 -10.99
N GLN A 173 14.08 -5.61 -10.03
CA GLN A 173 12.68 -6.03 -10.26
C GLN A 173 11.73 -4.83 -10.27
N ILE A 174 11.95 -3.86 -9.39
CA ILE A 174 11.07 -2.70 -9.36
C ILE A 174 11.22 -1.92 -10.65
N VAL A 175 12.46 -1.64 -11.06
CA VAL A 175 12.68 -0.89 -12.32
C VAL A 175 12.01 -1.59 -13.49
N ASN A 176 12.16 -2.90 -13.58
CA ASN A 176 11.62 -3.64 -14.71
C ASN A 176 10.10 -3.58 -14.74
N LEU A 177 9.46 -3.72 -13.58
CA LEU A 177 8.01 -3.66 -13.54
C LEU A 177 7.53 -2.25 -13.90
N LEU A 178 8.27 -1.23 -13.48
CA LEU A 178 7.83 0.15 -13.75
C LEU A 178 7.97 0.43 -15.24
N LEU A 179 9.11 0.06 -15.81
CA LEU A 179 9.32 0.31 -17.24
C LEU A 179 8.28 -0.44 -18.09
N ALA A 180 7.90 -1.65 -17.69
CA ALA A 180 6.95 -2.42 -18.47
C ALA A 180 5.60 -1.71 -18.54
N GLN A 181 5.23 -1.12 -17.41
CA GLN A 181 3.94 -0.44 -17.31
C GLN A 181 3.98 0.84 -18.10
N ILE A 182 5.09 1.58 -17.98
CA ILE A 182 5.23 2.87 -18.69
C ILE A 182 5.12 2.64 -20.19
N LYS A 183 5.69 1.52 -20.66
CA LYS A 183 5.84 1.27 -22.09
C LYS A 183 4.50 1.15 -22.82
N ILE A 184 3.48 0.63 -22.15
CA ILE A 184 2.22 0.44 -22.86
C ILE A 184 1.50 1.75 -23.18
N PHE A 185 1.97 2.85 -22.58
CA PHE A 185 1.39 4.15 -22.86
C PHE A 185 2.17 4.95 -23.89
N GLU A 186 3.24 4.37 -24.43
CA GLU A 186 3.78 4.79 -25.72
C GLU A 186 2.79 4.28 -26.75
N SER A 187 2.49 5.45 -26.80
N SER B 11 -26.64 -25.29 5.37
CA SER B 11 -27.74 -24.40 4.90
C SER B 11 -27.22 -22.98 4.76
N ILE B 12 -26.67 -22.65 3.61
CA ILE B 12 -26.36 -21.27 3.32
C ILE B 12 -27.55 -20.28 3.45
N ILE B 13 -28.79 -20.76 3.30
CA ILE B 13 -29.91 -19.85 3.03
C ILE B 13 -30.25 -18.88 4.17
N THR B 14 -30.43 -19.41 5.37
CA THR B 14 -30.81 -18.56 6.50
C THR B 14 -29.71 -17.58 6.89
N GLN B 15 -28.46 -18.02 6.78
CA GLN B 15 -27.33 -17.16 7.08
C GLN B 15 -27.29 -15.96 6.16
N LYS B 16 -27.63 -16.18 4.89
CA LYS B 16 -27.57 -15.12 3.91
C LYS B 16 -28.68 -14.10 4.13
N ILE B 17 -29.84 -14.57 4.57
CA ILE B 17 -30.94 -13.67 4.88
C ILE B 17 -30.56 -12.77 6.06
N ILE B 18 -29.99 -13.38 7.11
CA ILE B 18 -29.55 -12.59 8.26
C ILE B 18 -28.47 -11.56 7.84
N ALA B 19 -27.51 -12.02 7.05
CA ALA B 19 -26.43 -11.13 6.62
C ALA B 19 -26.94 -9.98 5.77
N LYS B 20 -27.84 -10.30 4.85
CA LYS B 20 -28.44 -9.31 3.96
C LYS B 20 -29.14 -8.24 4.80
N ALA B 21 -29.84 -8.68 5.84
CA ALA B 21 -30.51 -7.76 6.74
C ALA B 21 -29.55 -6.85 7.49
N PHE B 22 -28.47 -7.44 8.01
CA PHE B 22 -27.48 -6.61 8.66
C PHE B 22 -26.82 -5.64 7.70
N LYS B 23 -26.47 -6.09 6.49
CA LYS B 23 -25.88 -5.16 5.54
C LYS B 23 -26.82 -4.00 5.26
N ASP B 24 -28.11 -4.30 5.12
CA ASP B 24 -29.02 -3.20 4.82
C ASP B 24 -29.16 -2.22 5.97
N LEU B 25 -29.18 -2.73 7.21
CA LEU B 25 -29.22 -1.83 8.35
C LEU B 25 -27.97 -0.96 8.42
N MET B 26 -26.84 -1.50 7.99
CA MET B 26 -25.61 -0.74 8.01
C MET B 26 -25.58 0.40 6.99
N GLN B 27 -26.50 0.38 6.03
CA GLN B 27 -26.53 1.47 5.06
C GLN B 27 -26.73 2.81 5.75
N SER B 28 -27.67 2.85 6.69
CA SER B 28 -28.12 4.13 7.18
C SER B 28 -28.04 4.20 8.69
N ASN B 29 -27.53 3.13 9.32
CA ASN B 29 -27.31 3.15 10.76
C ASN B 29 -25.86 2.86 11.09
N ALA B 30 -25.36 3.59 12.09
CA ALA B 30 -24.06 3.28 12.67
C ALA B 30 -23.97 1.85 13.20
N TYR B 31 -22.87 1.17 12.91
CA TYR B 31 -22.65 -0.21 13.35
C TYR B 31 -23.11 -0.45 14.79
N HIS B 32 -22.68 0.42 15.69
CA HIS B 32 -22.90 0.14 17.11
C HIS B 32 -24.33 0.31 17.55
N GLN B 33 -25.15 0.92 16.69
CA GLN B 33 -26.54 1.19 17.02
C GLN B 33 -27.48 0.19 16.35
N ILE B 34 -26.90 -0.89 15.82
CA ILE B 34 -27.70 -1.94 15.24
C ILE B 34 -27.71 -3.16 16.13
N SER B 35 -28.89 -3.53 16.63
CA SER B 35 -28.98 -4.66 17.54
C SER B 35 -29.37 -5.95 16.83
N VAL B 36 -29.13 -7.08 17.48
CA VAL B 36 -29.61 -8.36 16.99
C VAL B 36 -31.12 -8.35 16.78
N SER B 37 -31.85 -7.72 17.69
CA SER B 37 -33.29 -7.57 17.49
C SER B 37 -33.62 -6.89 16.16
N ASP B 38 -32.90 -5.80 15.87
CA ASP B 38 -33.06 -5.03 14.64
C ASP B 38 -32.80 -5.92 13.43
N ILE B 39 -31.68 -6.63 13.46
CA ILE B 39 -31.28 -7.54 12.38
C ILE B 39 -32.38 -8.56 12.11
N MET B 40 -32.86 -9.22 13.16
CA MET B 40 -33.77 -10.35 13.01
C MET B 40 -35.18 -9.89 12.62
N GLN B 41 -35.56 -8.72 13.09
CA GLN B 41 -36.82 -8.13 12.63
C GLN B 41 -36.81 -7.82 11.13
N THR B 42 -35.71 -7.23 10.67
CA THR B 42 -35.51 -6.97 9.27
C THR B 42 -35.46 -8.27 8.45
N ALA B 43 -34.79 -9.29 8.98
CA ALA B 43 -34.64 -10.58 8.31
C ALA B 43 -35.97 -11.34 8.25
N LYS B 44 -36.90 -10.92 9.12
CA LYS B 44 -38.19 -11.60 9.34
C LYS B 44 -38.08 -13.05 9.80
N ILE B 45 -37.20 -13.26 10.77
CA ILE B 45 -36.88 -14.59 11.25
C ILE B 45 -36.86 -14.53 12.77
N ARG B 46 -37.43 -15.54 13.43
CA ARG B 46 -37.46 -15.52 14.89
C ARG B 46 -36.10 -15.20 15.51
N ARG B 47 -36.09 -14.25 16.42
CA ARG B 47 -34.85 -13.70 16.98
C ARG B 47 -33.81 -14.72 17.41
N GLN B 48 -34.24 -15.76 18.13
CA GLN B 48 -33.32 -16.69 18.75
C GLN B 48 -32.58 -17.51 17.69
N THR B 49 -33.12 -17.54 16.47
CA THR B 49 -32.48 -18.31 15.42
C THR B 49 -31.08 -17.76 15.11
N PHE B 50 -30.90 -16.47 15.30
CA PHE B 50 -29.61 -15.81 15.14
C PHE B 50 -28.46 -16.61 15.75
N TYR B 51 -28.68 -17.11 16.96
CA TYR B 51 -27.60 -17.72 17.74
C TYR B 51 -27.31 -19.17 17.39
N ASN B 52 -28.16 -19.78 16.56
CA ASN B 52 -27.80 -21.00 15.88
C ASN B 52 -26.64 -20.81 14.89
N TYR B 53 -26.42 -19.55 14.50
CA TYR B 53 -25.47 -19.24 13.44
C TYR B 53 -24.36 -18.28 13.87
N PHE B 54 -24.67 -17.33 14.75
CA PHE B 54 -23.70 -16.30 15.12
C PHE B 54 -23.82 -15.99 16.61
N GLN B 55 -22.67 -15.85 17.28
CA GLN B 55 -22.70 -15.45 18.69
C GLN B 55 -23.06 -13.98 18.84
N ASN B 56 -22.67 -13.16 17.86
CA ASN B 56 -22.88 -11.73 17.97
C ASN B 56 -22.64 -11.03 16.63
N GLN B 57 -22.81 -9.72 16.61
CA GLN B 57 -22.67 -8.95 15.37
C GLN B 57 -21.27 -9.02 14.77
N GLU B 58 -20.25 -8.99 15.62
CA GLU B 58 -18.88 -9.13 15.15
C GLU B 58 -18.66 -10.47 14.43
N GLU B 59 -19.20 -11.56 14.98
CA GLU B 59 -19.11 -12.85 14.30
C GLU B 59 -19.85 -12.83 12.97
N LEU B 60 -20.97 -12.13 12.94
CA LEU B 60 -21.73 -12.03 11.70
C LEU B 60 -20.88 -11.31 10.65
N LEU B 61 -20.27 -10.19 11.01
CA LEU B 61 -19.35 -9.48 10.11
C LEU B 61 -18.25 -10.38 9.56
N SER B 62 -17.55 -11.08 10.45
CA SER B 62 -16.52 -12.04 10.04
C SER B 62 -17.03 -13.08 9.07
N TRP B 63 -18.21 -13.61 9.33
CA TRP B 63 -18.85 -14.57 8.44
C TRP B 63 -19.12 -13.96 7.06
N ILE B 64 -19.61 -12.73 7.02
CA ILE B 64 -19.84 -12.09 5.73
C ILE B 64 -18.53 -11.99 4.95
N PHE B 65 -17.46 -11.55 5.61
CA PHE B 65 -16.18 -11.42 4.90
C PHE B 65 -15.73 -12.74 4.33
N GLU B 66 -15.74 -13.76 5.17
CA GLU B 66 -15.18 -15.06 4.79
C GLU B 66 -16.00 -15.72 3.70
N ASN B 67 -17.32 -15.66 3.85
CA ASN B 67 -18.20 -16.31 2.90
C ASN B 67 -18.20 -15.57 1.57
N ASP B 68 -18.27 -14.23 1.61
CA ASP B 68 -18.43 -13.52 0.35
C ASP B 68 -17.15 -13.67 -0.46
N PHE B 69 -16.01 -13.46 0.20
CA PHE B 69 -14.76 -13.52 -0.53
C PHE B 69 -14.36 -14.93 -0.97
N ALA B 70 -14.71 -15.92 -0.16
CA ALA B 70 -14.49 -17.30 -0.58
C ALA B 70 -15.31 -17.63 -1.84
N GLU B 71 -16.54 -17.12 -1.91
CA GLU B 71 -17.34 -17.38 -3.10
C GLU B 71 -16.70 -16.71 -4.31
N LEU B 72 -16.24 -15.47 -4.13
CA LEU B 72 -15.76 -14.66 -5.23
C LEU B 72 -14.45 -15.22 -5.77
N ILE B 73 -13.63 -15.78 -4.88
CA ILE B 73 -12.27 -16.17 -5.25
C ILE B 73 -12.19 -17.67 -5.52
N ASN B 74 -12.94 -18.47 -4.75
CA ASN B 74 -12.82 -19.92 -4.81
C ASN B 74 -13.98 -20.66 -5.46
N ASP B 75 -15.16 -20.05 -5.57
CA ASP B 75 -16.34 -20.80 -6.01
C ASP B 75 -16.67 -20.62 -7.49
N ASN B 76 -15.66 -20.33 -8.31
CA ASN B 76 -15.90 -20.25 -9.74
C ASN B 76 -15.41 -21.50 -10.45
N SER B 77 -15.87 -21.69 -11.69
CA SER B 77 -15.37 -22.79 -12.47
C SER B 77 -13.91 -22.56 -12.81
N ASP B 78 -13.21 -23.65 -13.03
CA ASP B 78 -11.77 -23.63 -13.20
C ASP B 78 -11.29 -22.69 -14.30
N TYR B 79 -12.11 -22.48 -15.31
CA TYR B 79 -11.62 -21.85 -16.54
C TYR B 79 -12.19 -20.45 -16.69
N TYR B 80 -12.95 -20.04 -15.68
CA TYR B 80 -13.53 -18.71 -15.64
C TYR B 80 -12.46 -17.66 -15.85
N GLY B 81 -11.36 -17.85 -15.15
CA GLY B 81 -10.20 -17.03 -15.40
C GLY B 81 -10.07 -15.83 -14.50
N TRP B 82 -8.83 -15.41 -14.31
CA TRP B 82 -8.56 -14.35 -13.39
C TRP B 82 -9.19 -13.00 -13.77
N GLN B 83 -9.31 -12.75 -15.06
CA GLN B 83 -9.89 -11.49 -15.52
C GLN B 83 -11.36 -11.40 -15.11
N ASN B 84 -12.12 -12.45 -15.38
CA ASN B 84 -13.50 -12.45 -14.94
C ASN B 84 -13.62 -12.42 -13.42
N GLU B 85 -12.71 -13.11 -12.73
CA GLU B 85 -12.70 -13.12 -11.27
C GLU B 85 -12.45 -11.70 -10.72
N LEU B 86 -11.48 -10.99 -11.32
CA LEU B 86 -11.23 -9.61 -10.90
C LEU B 86 -12.47 -8.75 -11.11
N LEU B 87 -13.10 -8.89 -12.28
CA LEU B 87 -14.25 -8.07 -12.60
C LEU B 87 -15.36 -8.35 -11.61
N LEU B 88 -15.57 -9.62 -11.28
CA LEU B 88 -16.60 -9.97 -10.31
C LEU B 88 -16.35 -9.40 -8.91
N LEU B 89 -15.09 -9.40 -8.50
CA LEU B 89 -14.69 -8.82 -7.23
C LEU B 89 -14.95 -7.32 -7.25
N LEU B 90 -14.57 -6.64 -8.33
CA LEU B 90 -14.80 -5.21 -8.41
C LEU B 90 -16.29 -4.89 -8.39
N ARG B 91 -17.09 -5.69 -9.10
CA ARG B 91 -18.54 -5.45 -9.12
C ARG B 91 -19.14 -5.68 -7.72
N TYR B 92 -18.60 -6.67 -7.00
CA TYR B 92 -19.06 -6.96 -5.66
C TYR B 92 -18.77 -5.78 -4.74
N LEU B 93 -17.57 -5.22 -4.86
CA LEU B 93 -17.20 -4.07 -4.06
C LEU B 93 -18.07 -2.84 -4.38
N ASP B 94 -18.44 -2.65 -5.65
CA ASP B 94 -19.35 -1.54 -5.98
C ASP B 94 -20.72 -1.74 -5.35
N GLU B 95 -21.24 -2.96 -5.46
CA GLU B 95 -22.58 -3.26 -4.93
C GLU B 95 -22.60 -3.10 -3.41
N ASN B 96 -21.45 -3.31 -2.80
CA ASN B 96 -21.33 -3.23 -1.35
C ASN B 96 -20.49 -2.03 -0.91
N GLN B 97 -20.44 -0.99 -1.74
CA GLN B 97 -19.51 0.10 -1.49
C GLN B 97 -19.76 0.78 -0.16
N ILE B 98 -21.04 1.02 0.16
CA ILE B 98 -21.36 1.79 1.37
C ILE B 98 -21.02 0.94 2.60
N PHE B 99 -21.33 -0.35 2.51
CA PHE B 99 -20.95 -1.31 3.54
C PHE B 99 -19.44 -1.27 3.80
N TYR B 100 -18.63 -1.41 2.75
CA TYR B 100 -17.17 -1.39 2.93
C TYR B 100 -16.59 -0.05 3.38
N GLN B 101 -17.20 1.05 2.96
CA GLN B 101 -16.78 2.36 3.48
C GLN B 101 -16.86 2.34 4.99
N LYS B 102 -17.92 1.74 5.52
CA LYS B 102 -18.10 1.70 6.97
C LYS B 102 -17.09 0.74 7.59
N ILE B 103 -16.86 -0.38 6.92
CA ILE B 103 -15.98 -1.42 7.46
C ILE B 103 -14.56 -0.84 7.60
N PHE B 104 -14.14 -0.04 6.63
CA PHE B 104 -12.78 0.49 6.71
C PHE B 104 -12.61 1.46 7.90
N VAL B 105 -13.73 1.98 8.40
CA VAL B 105 -13.76 2.84 9.59
C VAL B 105 -13.65 2.02 10.87
N ILE B 106 -14.50 1.01 11.01
CA ILE B 106 -14.81 0.41 12.31
C ILE B 106 -13.95 -0.82 12.62
N ASP B 107 -13.28 -1.34 11.59
CA ASP B 107 -12.52 -2.56 11.74
C ASP B 107 -11.14 -2.40 11.15
N LYS B 108 -10.18 -1.97 11.98
CA LYS B 108 -8.87 -1.62 11.46
C LYS B 108 -8.01 -2.85 11.16
N ASN B 109 -8.59 -4.03 11.34
CA ASN B 109 -7.98 -5.30 10.95
C ASN B 109 -8.51 -5.82 9.60
N PHE B 110 -9.57 -5.22 9.07
CA PHE B 110 -10.11 -5.76 7.83
C PHE B 110 -9.09 -5.60 6.71
N GLU B 111 -8.30 -4.54 6.73
CA GLU B 111 -7.37 -4.32 5.62
C GLU B 111 -6.42 -5.50 5.42
N HIS B 112 -5.99 -6.15 6.49
CA HIS B 112 -5.11 -7.32 6.39
C HIS B 112 -5.81 -8.48 5.68
N PHE B 113 -7.05 -8.74 6.06
CA PHE B 113 -7.87 -9.75 5.40
C PHE B 113 -8.05 -9.43 3.92
N PHE B 114 -8.39 -8.19 3.62
CA PHE B 114 -8.54 -7.71 2.24
C PHE B 114 -7.26 -7.98 1.45
N LEU B 115 -6.10 -7.66 2.01
CA LEU B 115 -4.84 -7.87 1.30
C LEU B 115 -4.66 -9.34 0.94
N ILE B 116 -4.97 -10.22 1.88
CA ILE B 116 -4.86 -11.65 1.63
C ILE B 116 -5.75 -12.08 0.47
N GLN B 117 -6.95 -11.52 0.38
CA GLN B 117 -7.79 -11.82 -0.78
C GLN B 117 -7.13 -11.42 -2.09
N TRP B 118 -6.53 -10.24 -2.15
CA TRP B 118 -5.85 -9.87 -3.38
C TRP B 118 -4.62 -10.74 -3.66
N GLU B 119 -3.93 -11.17 -2.61
CA GLU B 119 -2.82 -12.11 -2.81
C GLU B 119 -3.33 -13.40 -3.40
N ASN B 120 -4.48 -13.85 -2.91
CA ASN B 120 -5.07 -15.06 -3.47
C ASN B 120 -5.41 -14.91 -4.94
N LEU B 121 -5.96 -13.76 -5.34
CA LEU B 121 -6.25 -13.51 -6.74
C LEU B 121 -4.96 -13.48 -7.54
N LEU B 122 -3.92 -12.86 -7.01
CA LEU B 122 -2.69 -12.78 -7.80
C LEU B 122 -2.11 -14.18 -8.04
N ASP B 123 -2.22 -15.08 -7.06
CA ASP B 123 -1.77 -16.46 -7.26
C ASP B 123 -2.54 -17.09 -8.43
N LYS B 124 -3.84 -16.78 -8.53
CA LYS B 124 -4.66 -17.29 -9.60
C LYS B 124 -4.25 -16.68 -10.94
N VAL B 125 -3.84 -15.42 -10.93
CA VAL B 125 -3.36 -14.81 -12.16
C VAL B 125 -2.15 -15.57 -12.69
N ILE B 126 -1.18 -15.84 -11.81
CA ILE B 126 0.02 -16.55 -12.21
C ILE B 126 -0.33 -17.94 -12.73
N PHE B 127 -1.15 -18.69 -11.98
CA PHE B 127 -1.56 -20.03 -12.38
C PHE B 127 -2.24 -20.04 -13.73
N ASP B 128 -3.18 -19.13 -13.92
CA ASP B 128 -3.91 -19.06 -15.19
C ASP B 128 -2.98 -18.71 -16.34
N GLN B 129 -2.05 -17.79 -16.09
CA GLN B 129 -1.19 -17.36 -17.18
C GLN B 129 -0.26 -18.51 -17.55
N GLU B 130 0.22 -19.25 -16.57
CA GLU B 130 1.11 -20.40 -16.86
C GLU B 130 0.37 -21.54 -17.55
N LYS B 131 -0.96 -21.56 -17.46
CA LYS B 131 -1.75 -22.54 -18.21
C LYS B 131 -1.94 -22.10 -19.64
N LYS B 132 -1.99 -20.78 -19.85
CA LYS B 132 -2.23 -20.19 -21.15
C LYS B 132 -0.94 -20.21 -21.95
N SER B 133 0.13 -19.78 -21.30
CA SER B 133 1.44 -19.61 -21.96
C SER B 133 2.62 -20.01 -21.09
N ASP B 134 3.81 -19.70 -21.58
CA ASP B 134 5.05 -20.13 -20.96
C ASP B 134 5.92 -18.95 -20.60
N TYR B 135 6.54 -19.02 -19.43
CA TYR B 135 7.21 -17.87 -18.84
C TYR B 135 8.57 -18.26 -18.33
N HIS B 136 9.48 -17.29 -18.35
CA HIS B 136 10.82 -17.54 -17.82
C HIS B 136 11.03 -17.05 -16.40
N TRP B 137 9.96 -16.66 -15.71
CA TRP B 137 10.13 -16.17 -14.34
C TRP B 137 10.56 -17.25 -13.36
N SER B 138 11.42 -16.86 -12.43
CA SER B 138 11.76 -17.67 -11.28
C SER B 138 10.64 -17.63 -10.24
N ASP B 139 10.71 -18.51 -9.26
CA ASP B 139 9.75 -18.56 -8.17
C ASP B 139 9.78 -17.24 -7.42
N LEU B 140 10.99 -16.72 -7.19
CA LEU B 140 11.13 -15.45 -6.50
C LEU B 140 10.53 -14.31 -7.31
N GLU B 141 10.76 -14.31 -8.62
CA GLU B 141 10.24 -13.25 -9.49
C GLU B 141 8.72 -13.27 -9.51
N LYS B 142 8.12 -14.46 -9.63
CA LYS B 142 6.67 -14.49 -9.61
C LYS B 142 6.07 -14.17 -8.25
N SER B 143 6.71 -14.62 -7.16
CA SER B 143 6.30 -14.21 -5.83
C SER B 143 6.31 -12.71 -5.70
N PHE B 144 7.35 -12.07 -6.25
CA PHE B 144 7.44 -10.63 -6.13
C PHE B 144 6.34 -9.92 -6.89
N ILE B 145 6.06 -10.37 -8.12
CA ILE B 145 4.98 -9.79 -8.91
C ILE B 145 3.66 -9.84 -8.14
N CYS B 146 3.44 -10.98 -7.48
CA CYS B 146 2.23 -11.17 -6.70
C CYS B 146 2.15 -10.26 -5.47
N ARG B 147 3.24 -10.19 -4.70
CA ARG B 147 3.26 -9.29 -3.55
C ARG B 147 3.09 -7.83 -3.95
N TYR B 148 3.83 -7.42 -4.99
CA TYR B 148 3.80 -6.04 -5.44
C TYR B 148 2.41 -5.63 -5.89
N ASN B 149 1.81 -6.45 -6.75
CA ASN B 149 0.52 -6.09 -7.31
C ASN B 149 -0.63 -6.28 -6.34
N ALA B 150 -0.53 -7.26 -5.46
CA ALA B 150 -1.56 -7.42 -4.45
C ALA B 150 -1.61 -6.19 -3.56
N ALA B 151 -0.45 -5.70 -3.12
CA ALA B 151 -0.37 -4.47 -2.34
C ALA B 151 -0.96 -3.29 -3.10
N ALA B 152 -0.67 -3.19 -4.39
CA ALA B 152 -1.14 -2.05 -5.19
C ALA B 152 -2.65 -2.09 -5.29
N ILE B 153 -3.17 -3.25 -5.70
CA ILE B 153 -4.61 -3.38 -5.90
C ILE B 153 -5.36 -3.19 -4.57
N CYS B 154 -4.82 -3.76 -3.49
CA CYS B 154 -5.40 -3.57 -2.17
C CYS B 154 -5.57 -2.09 -1.83
N ALA B 155 -4.50 -1.33 -2.01
CA ALA B 155 -4.51 0.09 -1.66
C ALA B 155 -5.45 0.88 -2.56
N ILE B 156 -5.44 0.56 -3.85
CA ILE B 156 -6.16 1.36 -4.82
C ILE B 156 -7.66 1.11 -4.70
N THR B 157 -8.04 -0.13 -4.42
CA THR B 157 -9.46 -0.42 -4.27
C THR B 157 -10.00 0.11 -2.95
N ARG B 158 -9.21 0.02 -1.88
CA ARG B 158 -9.62 0.62 -0.62
C ARG B 158 -9.85 2.11 -0.82
N GLU B 159 -8.90 2.79 -1.47
CA GLU B 159 -9.01 4.25 -1.63
C GLU B 159 -10.25 4.60 -2.44
N SER B 160 -10.50 3.85 -3.51
CA SER B 160 -11.67 4.12 -4.35
C SER B 160 -12.96 3.87 -3.58
N ILE B 161 -12.96 2.84 -2.75
CA ILE B 161 -14.14 2.57 -1.93
C ILE B 161 -14.39 3.75 -1.01
N ILE B 162 -13.37 4.16 -0.27
CA ILE B 162 -13.52 5.29 0.66
C ILE B 162 -13.92 6.59 -0.03
N ARG B 163 -13.31 6.87 -1.18
CA ARG B 163 -13.65 8.05 -1.98
C ARG B 163 -15.06 8.02 -2.55
N GLY B 164 -15.63 6.83 -2.67
CA GLY B 164 -16.92 6.68 -3.33
C GLY B 164 -16.82 6.70 -4.85
N ASN B 165 -15.71 6.21 -5.38
CA ASN B 165 -15.52 6.12 -6.83
C ASN B 165 -15.88 4.74 -7.36
N SER B 166 -16.16 4.64 -8.65
CA SER B 166 -16.45 3.34 -9.26
C SER B 166 -15.25 2.37 -9.25
N LEU B 167 -15.42 1.18 -8.68
CA LEU B 167 -14.36 0.18 -8.76
C LEU B 167 -14.35 -0.50 -10.12
N GLU B 168 -15.52 -0.73 -10.70
CA GLU B 168 -15.54 -1.38 -11.99
C GLU B 168 -14.78 -0.54 -13.03
N LYS B 169 -14.80 0.78 -12.86
CA LYS B 169 -14.08 1.69 -13.74
C LYS B 169 -12.57 1.43 -13.70
N LEU B 170 -12.09 0.85 -12.60
CA LEU B 170 -10.67 0.53 -12.43
C LEU B 170 -10.27 -0.74 -13.18
N TYR B 171 -11.26 -1.52 -13.60
CA TYR B 171 -10.93 -2.80 -14.20
C TYR B 171 -9.88 -2.75 -15.31
N SER B 172 -10.11 -1.94 -16.34
CA SER B 172 -9.23 -1.98 -17.52
C SER B 172 -7.86 -1.46 -17.13
N GLN B 173 -7.85 -0.48 -16.24
CA GLN B 173 -6.62 0.15 -15.75
C GLN B 173 -5.75 -0.91 -15.06
N ILE B 174 -6.36 -1.68 -14.17
CA ILE B 174 -5.63 -2.72 -13.46
C ILE B 174 -5.17 -3.82 -14.40
N VAL B 175 -6.06 -4.30 -15.26
CA VAL B 175 -5.72 -5.39 -16.15
C VAL B 175 -4.56 -4.96 -17.03
N ASN B 176 -4.61 -3.75 -17.57
CA ASN B 176 -3.55 -3.32 -18.47
C ASN B 176 -2.18 -3.30 -17.80
N LEU B 177 -2.14 -2.77 -16.57
CA LEU B 177 -0.86 -2.73 -15.85
C LEU B 177 -0.35 -4.12 -15.50
N LEU B 178 -1.28 -5.01 -15.12
CA LEU B 178 -0.86 -6.39 -14.84
C LEU B 178 -0.36 -7.14 -16.07
N LEU B 179 -1.09 -7.05 -17.17
CA LEU B 179 -0.71 -7.75 -18.39
C LEU B 179 0.66 -7.22 -18.83
N ALA B 180 0.89 -5.91 -18.64
CA ALA B 180 2.16 -5.32 -19.09
C ALA B 180 3.36 -5.90 -18.36
N GLN B 181 3.21 -6.09 -17.05
CA GLN B 181 4.22 -6.73 -16.22
C GLN B 181 4.43 -8.18 -16.56
N ILE B 182 3.36 -8.93 -16.77
CA ILE B 182 3.51 -10.35 -17.02
C ILE B 182 4.15 -10.56 -18.39
N LYS B 183 3.81 -9.70 -19.35
CA LYS B 183 4.29 -9.87 -20.72
C LYS B 183 5.82 -9.89 -20.78
N ILE B 184 6.49 -9.17 -19.90
CA ILE B 184 7.94 -9.13 -19.98
C ILE B 184 8.60 -10.47 -19.63
N PHE B 185 7.87 -11.34 -18.97
CA PHE B 185 8.40 -12.67 -18.65
C PHE B 185 8.02 -13.78 -19.63
N GLU B 186 7.19 -13.43 -20.62
CA GLU B 186 6.70 -14.42 -21.57
C GLU B 186 7.85 -14.81 -22.49
N SER B 187 7.94 -16.09 -22.83
CA SER B 187 9.14 -16.54 -23.51
C SER B 187 9.02 -16.48 -25.04
N LEU B 188 9.98 -16.10 -25.74
#